data_7TQG
#
_entry.id   7TQG
#
_cell.length_a   57.672
_cell.length_b   66.703
_cell.length_c   166.249
_cell.angle_alpha   90.000
_cell.angle_beta   90.000
_cell.angle_gamma   90.000
#
_symmetry.space_group_name_H-M   'P 21 21 21'
#
loop_
_entity.id
_entity.type
_entity.pdbx_description
1 polymer 'IOMA iGL Fab Heavy Chain'
2 polymer 'IOMA iGL Fab Light Chain'
#
loop_
_entity_poly.entity_id
_entity_poly.type
_entity_poly.pdbx_seq_one_letter_code
_entity_poly.pdbx_strand_id
1 'polypeptide(L)'
;QVQLVQSGAEVKKPGASVKVSCKASGYTFTGYYMHWVRQAPGQGLEWMGWINPNSGGTNYAQKFQGRVTMTRDTSISTAY
MELSRLRSDDTAVYYCAREMFDSSADWSPWRGMVAWGQGTLVTVSSASTKGPSVFPLAPSSKSTSGGTAALGCLVKDYFP
EPVTVSWNSGALTSGVHTFPAVLQSSGLYSLSSVVTVPSSSLGTQTYICNVNHKPSNTKVDKRVEP
;
H
2 'polypeptide(L)'
;QSALTQPASVSGSPGQSITISCTGTSSDVGSYNLVSWYQQHPGKAPKLMIYEVSKRPSGVSNRFSGSKSGNTASLTISGL
QAEDEADYYCCSYAGSVAFGGGTKLTVLGQPKAAPSVTLFPPSSEELQANKATLVCLISDFYPGAVTVAWKADSSPVKAG
VETTTPSKQSNNKYAASSYLSLTPEQWKSHRSYSCQVTHEGSTVEKTVAP
;
L
#
# COMPACT_ATOMS: atom_id res chain seq x y z
N GLN A 1 -20.81 -11.09 -5.40
CA GLN A 1 -19.47 -10.65 -5.08
C GLN A 1 -18.90 -11.32 -3.82
N VAL A 2 -17.74 -11.96 -3.95
CA VAL A 2 -17.00 -12.52 -2.81
C VAL A 2 -16.24 -11.39 -2.12
N GLN A 3 -16.23 -11.41 -0.78
CA GLN A 3 -15.61 -10.34 -0.01
C GLN A 3 -14.96 -10.91 1.25
N LEU A 4 -13.71 -10.53 1.50
CA LEU A 4 -12.96 -10.90 2.70
C LEU A 4 -12.53 -9.62 3.40
N VAL A 5 -13.02 -9.38 4.61
CA VAL A 5 -12.81 -8.13 5.34
C VAL A 5 -12.06 -8.43 6.62
N GLN A 6 -10.85 -7.87 6.75
CA GLN A 6 -9.98 -8.20 7.87
C GLN A 6 -10.05 -7.16 8.97
N SER A 7 -9.58 -7.54 10.16
CA SER A 7 -9.54 -6.61 11.27
C SER A 7 -8.44 -5.57 11.07
N GLY A 8 -8.47 -4.50 11.88
CA GLY A 8 -7.60 -3.36 11.65
C GLY A 8 -6.20 -3.54 12.21
N ALA A 9 -5.30 -2.64 11.78
CA ALA A 9 -3.88 -2.76 12.09
C ALA A 9 -3.63 -2.80 13.59
N GLU A 10 -2.49 -3.39 13.96
CA GLU A 10 -2.12 -3.57 15.36
C GLU A 10 -0.63 -3.32 15.54
N VAL A 11 -0.26 -2.99 16.77
CA VAL A 11 1.13 -2.86 17.16
C VAL A 11 1.32 -3.70 18.42
N LYS A 12 2.48 -4.34 18.53
CA LYS A 12 2.74 -5.27 19.61
C LYS A 12 4.19 -5.14 20.03
N LYS A 13 4.46 -5.47 21.30
CA LYS A 13 5.83 -5.48 21.77
C LYS A 13 6.43 -6.86 21.54
N PRO A 14 7.76 -6.95 21.42
CA PRO A 14 8.39 -8.28 21.26
C PRO A 14 7.99 -9.21 22.39
N GLY A 15 7.60 -10.44 22.03
CA GLY A 15 7.21 -11.43 22.99
C GLY A 15 5.72 -11.61 23.15
N ALA A 16 4.92 -10.68 22.66
CA ALA A 16 3.47 -10.76 22.81
C ALA A 16 2.87 -11.61 21.68
N SER A 17 1.54 -11.56 21.56
CA SER A 17 0.85 -12.31 20.53
C SER A 17 -0.19 -11.39 19.91
N VAL A 18 -0.59 -11.73 18.68
CA VAL A 18 -1.58 -10.97 17.92
C VAL A 18 -2.56 -11.96 17.32
N LYS A 19 -3.83 -11.54 17.22
CA LYS A 19 -4.87 -12.33 16.60
C LYS A 19 -5.60 -11.46 15.57
N VAL A 20 -5.57 -11.90 14.31
CA VAL A 20 -6.19 -11.23 13.18
C VAL A 20 -7.43 -12.00 12.74
N SER A 21 -8.52 -11.27 12.45
CA SER A 21 -9.76 -11.87 11.95
C SER A 21 -9.99 -11.56 10.47
N CYS A 22 -10.83 -12.42 9.86
CA CYS A 22 -11.15 -12.36 8.43
C CYS A 22 -12.61 -12.79 8.28
N LYS A 23 -13.50 -11.84 7.96
CA LYS A 23 -14.91 -12.13 7.79
C LYS A 23 -15.21 -12.27 6.31
N ALA A 24 -15.75 -13.43 5.93
CA ALA A 24 -16.01 -13.75 4.53
C ALA A 24 -17.49 -13.58 4.25
N SER A 25 -17.80 -13.19 3.02
CA SER A 25 -19.19 -13.16 2.56
C SER A 25 -19.21 -13.39 1.05
N GLY A 26 -20.41 -13.59 0.52
CA GLY A 26 -20.57 -13.84 -0.88
C GLY A 26 -20.39 -15.28 -1.32
N TYR A 27 -20.19 -16.22 -0.39
CA TYR A 27 -20.05 -17.62 -0.77
C TYR A 27 -20.24 -18.50 0.46
N THR A 28 -20.33 -19.81 0.22
CA THR A 28 -20.53 -20.76 1.32
C THR A 28 -19.21 -20.95 2.04
N PHE A 29 -19.12 -20.34 3.22
CA PHE A 29 -17.87 -20.22 3.96
C PHE A 29 -17.21 -21.56 4.23
N THR A 30 -18.01 -22.60 4.53
CA THR A 30 -17.43 -23.89 4.90
C THR A 30 -16.98 -24.72 3.70
N GLY A 31 -17.24 -24.27 2.47
CA GLY A 31 -16.88 -25.03 1.28
C GLY A 31 -15.51 -24.80 0.70
N TYR A 32 -14.76 -23.79 1.16
CA TYR A 32 -13.48 -23.43 0.57
C TYR A 32 -12.42 -23.30 1.67
N TYR A 33 -11.23 -23.85 1.43
CA TYR A 33 -10.11 -23.64 2.32
C TYR A 33 -9.74 -22.14 2.41
N MET A 34 -9.24 -21.72 3.58
CA MET A 34 -8.73 -20.37 3.80
C MET A 34 -7.25 -20.44 4.10
N HIS A 35 -6.43 -19.71 3.34
CA HIS A 35 -5.00 -19.61 3.61
C HIS A 35 -4.69 -18.29 4.32
N TRP A 36 -3.53 -18.23 4.96
CA TRP A 36 -2.96 -16.99 5.48
C TRP A 36 -1.58 -16.80 4.87
N VAL A 37 -1.33 -15.58 4.33
CA VAL A 37 -0.08 -15.22 3.67
C VAL A 37 0.35 -13.84 4.18
N ARG A 38 1.64 -13.67 4.43
CA ARG A 38 2.14 -12.39 4.92
C ARG A 38 3.19 -11.82 3.98
N GLN A 39 3.46 -10.52 4.16
CA GLN A 39 4.39 -9.79 3.29
C GLN A 39 5.08 -8.73 4.14
N ALA A 40 6.36 -8.92 4.44
CA ALA A 40 7.11 -7.87 5.11
C ALA A 40 7.20 -6.66 4.18
N PRO A 41 7.27 -5.44 4.73
CA PRO A 41 7.27 -4.24 3.87
C PRO A 41 8.42 -4.25 2.86
N GLY A 42 8.05 -4.19 1.58
CA GLY A 42 9.05 -4.24 0.52
C GLY A 42 9.55 -5.63 0.14
N GLN A 43 8.99 -6.68 0.72
CA GLN A 43 9.49 -8.04 0.50
C GLN A 43 8.40 -8.88 -0.18
N GLY A 44 8.65 -10.19 -0.33
CA GLY A 44 7.78 -11.07 -1.07
C GLY A 44 6.68 -11.71 -0.22
N LEU A 45 5.91 -12.57 -0.86
CA LEU A 45 4.83 -13.29 -0.18
C LEU A 45 5.36 -14.54 0.52
N GLU A 46 4.80 -14.83 1.70
CA GLU A 46 5.21 -16.00 2.49
C GLU A 46 3.98 -16.70 3.04
N TRP A 47 3.70 -17.91 2.55
CA TRP A 47 2.57 -18.70 3.01
C TRP A 47 2.74 -19.10 4.47
N MET A 48 1.66 -19.03 5.24
CA MET A 48 1.70 -19.44 6.65
C MET A 48 1.00 -20.76 6.93
N GLY A 49 -0.03 -21.09 6.20
CA GLY A 49 -0.78 -22.31 6.44
C GLY A 49 -2.21 -22.14 5.96
N TRP A 50 -3.01 -23.19 6.14
CA TRP A 50 -4.42 -23.11 5.81
C TRP A 50 -5.26 -23.80 6.88
N ILE A 51 -6.55 -23.45 6.88
CA ILE A 51 -7.56 -24.13 7.67
C ILE A 51 -8.70 -24.54 6.74
N ASN A 52 -9.29 -25.69 7.03
CA ASN A 52 -10.53 -26.12 6.38
C ASN A 52 -11.67 -25.65 7.27
N PRO A 53 -12.43 -24.61 6.89
CA PRO A 53 -13.51 -24.14 7.78
C PRO A 53 -14.59 -25.18 8.05
N ASN A 54 -14.71 -26.22 7.24
CA ASN A 54 -15.43 -27.42 7.63
C ASN A 54 -14.45 -28.30 8.41
N SER A 55 -14.91 -28.86 9.53
CA SER A 55 -14.08 -29.75 10.35
C SER A 55 -13.00 -29.02 11.13
N GLY A 56 -12.51 -27.89 10.63
CA GLY A 56 -11.52 -27.12 11.36
C GLY A 56 -10.11 -27.64 11.31
N GLY A 57 -9.80 -28.62 10.46
CA GLY A 57 -8.44 -29.10 10.34
C GLY A 57 -7.52 -28.04 9.76
N THR A 58 -6.25 -28.12 10.14
CA THR A 58 -5.26 -27.09 9.80
C THR A 58 -4.00 -27.77 9.26
N ASN A 59 -3.16 -26.98 8.60
CA ASN A 59 -1.84 -27.39 8.15
C ASN A 59 -0.97 -26.15 8.12
N TYR A 60 0.20 -26.19 8.74
CA TYR A 60 1.03 -25.00 8.91
C TYR A 60 2.37 -25.17 8.22
N ALA A 61 2.90 -24.07 7.70
CA ALA A 61 4.26 -24.07 7.19
C ALA A 61 5.25 -24.39 8.31
N GLN A 62 6.33 -25.11 7.96
CA GLN A 62 7.33 -25.51 8.95
C GLN A 62 7.81 -24.32 9.77
N LYS A 63 8.03 -23.18 9.12
CA LYS A 63 8.54 -21.98 9.79
C LYS A 63 7.74 -21.59 11.03
N PHE A 64 6.43 -21.85 11.06
CA PHE A 64 5.56 -21.30 12.09
C PHE A 64 4.97 -22.36 13.00
N GLN A 65 5.30 -23.64 12.79
CA GLN A 65 4.75 -24.71 13.60
C GLN A 65 5.11 -24.51 15.07
N GLY A 66 4.09 -24.45 15.93
CA GLY A 66 4.30 -24.21 17.34
C GLY A 66 4.26 -22.75 17.76
N ARG A 67 4.12 -21.82 16.81
CA ARG A 67 3.91 -20.41 17.07
C ARG A 67 2.57 -19.90 16.58
N VAL A 68 1.87 -20.64 15.73
CA VAL A 68 0.69 -20.13 15.04
C VAL A 68 -0.45 -21.11 15.23
N THR A 69 -1.67 -20.57 15.38
CA THR A 69 -2.88 -21.37 15.42
C THR A 69 -3.94 -20.66 14.59
N MET A 70 -4.62 -21.42 13.75
CA MET A 70 -5.69 -20.91 12.90
C MET A 70 -7.00 -21.54 13.33
N THR A 71 -8.05 -20.73 13.45
CA THR A 71 -9.35 -21.21 13.87
C THR A 71 -10.43 -20.56 13.01
N ARG A 72 -11.68 -20.96 13.25
CA ARG A 72 -12.79 -20.33 12.56
C ARG A 72 -14.03 -20.44 13.42
N ASP A 73 -14.93 -19.47 13.27
CA ASP A 73 -16.26 -19.49 13.85
C ASP A 73 -17.23 -19.51 12.67
N THR A 74 -17.77 -20.70 12.36
CA THR A 74 -18.64 -20.83 11.20
C THR A 74 -19.97 -20.12 11.40
N SER A 75 -20.34 -19.82 12.65
CA SER A 75 -21.60 -19.13 12.88
C SER A 75 -21.54 -17.66 12.46
N ILE A 76 -20.36 -17.06 12.35
CA ILE A 76 -20.23 -15.71 11.83
C ILE A 76 -19.29 -15.66 10.62
N SER A 77 -19.04 -16.80 9.99
CA SER A 77 -18.25 -16.87 8.76
C SER A 77 -16.90 -16.17 8.90
N THR A 78 -16.19 -16.44 10.00
CA THR A 78 -14.96 -15.72 10.30
C THR A 78 -13.82 -16.68 10.61
N ALA A 79 -12.69 -16.49 9.96
CA ALA A 79 -11.46 -17.21 10.23
C ALA A 79 -10.51 -16.33 11.06
N TYR A 80 -9.70 -16.98 11.90
CA TYR A 80 -8.76 -16.27 12.77
C TYR A 80 -7.37 -16.85 12.62
N MET A 81 -6.37 -15.97 12.76
CA MET A 81 -4.97 -16.36 12.79
C MET A 81 -4.33 -15.70 14.00
N GLU A 82 -3.75 -16.52 14.89
CA GLU A 82 -3.03 -16.04 16.06
C GLU A 82 -1.57 -16.45 15.96
N LEU A 83 -0.68 -15.48 16.11
CA LEU A 83 0.77 -15.70 16.06
C LEU A 83 1.38 -15.26 17.37
N SER A 84 2.12 -16.16 18.02
CA SER A 84 2.63 -15.85 19.35
C SER A 84 4.15 -15.69 19.34
N ARG A 85 4.68 -15.35 20.52
CA ARG A 85 6.09 -15.04 20.74
C ARG A 85 6.63 -14.16 19.61
N LEU A 86 6.03 -12.97 19.50
CA LEU A 86 6.29 -12.14 18.33
C LEU A 86 7.69 -11.54 18.39
N ARG A 87 8.28 -11.39 17.21
CA ARG A 87 9.57 -10.74 17.06
C ARG A 87 9.46 -9.68 15.97
N SER A 88 10.47 -8.81 15.91
CA SER A 88 10.37 -7.66 15.01
C SER A 88 10.36 -8.09 13.54
N ASP A 89 10.96 -9.24 13.19
CA ASP A 89 10.81 -9.66 11.80
C ASP A 89 9.48 -10.33 11.51
N ASP A 90 8.55 -10.35 12.46
CA ASP A 90 7.14 -10.62 12.16
C ASP A 90 6.38 -9.39 11.69
N THR A 91 7.01 -8.22 11.66
CA THR A 91 6.34 -7.02 11.14
C THR A 91 5.98 -7.25 9.68
N ALA A 92 4.69 -7.14 9.34
CA ALA A 92 4.26 -7.52 8.00
C ALA A 92 2.77 -7.20 7.83
N VAL A 93 2.34 -7.17 6.56
CA VAL A 93 0.91 -7.19 6.22
C VAL A 93 0.49 -8.65 6.15
N TYR A 94 -0.52 -9.01 6.94
CA TYR A 94 -1.08 -10.36 7.00
C TYR A 94 -2.39 -10.39 6.20
N TYR A 95 -2.46 -11.28 5.21
CA TYR A 95 -3.64 -11.46 4.36
C TYR A 95 -4.29 -12.82 4.61
N CYS A 96 -5.63 -12.86 4.57
CA CYS A 96 -6.35 -14.11 4.36
C CYS A 96 -6.66 -14.24 2.88
N ALA A 97 -6.69 -15.47 2.38
CA ALA A 97 -6.95 -15.69 0.95
C ALA A 97 -7.66 -17.01 0.74
N ARG A 98 -8.77 -16.96 -0.01
CA ARG A 98 -9.61 -18.13 -0.24
C ARG A 98 -9.11 -18.95 -1.41
N GLU A 99 -9.10 -20.28 -1.25
CA GLU A 99 -8.70 -21.20 -2.30
C GLU A 99 -9.54 -21.02 -3.58
N MET A 100 -8.95 -21.41 -4.72
CA MET A 100 -9.56 -21.19 -6.04
C MET A 100 -10.90 -21.91 -6.18
N PHE A 101 -10.90 -23.22 -6.06
CA PHE A 101 -12.11 -24.04 -6.14
C PHE A 101 -12.45 -24.60 -4.78
N ASP A 102 -13.67 -25.13 -4.66
CA ASP A 102 -14.13 -25.65 -3.40
C ASP A 102 -13.45 -26.99 -3.09
N SER A 103 -13.73 -27.52 -1.90
CA SER A 103 -12.97 -28.63 -1.36
C SER A 103 -13.37 -29.98 -1.91
N SER A 104 -14.35 -30.02 -2.82
CA SER A 104 -14.65 -31.21 -3.59
C SER A 104 -13.75 -31.36 -4.79
N ALA A 105 -13.11 -30.27 -5.22
CA ALA A 105 -12.28 -30.31 -6.41
C ALA A 105 -10.95 -30.98 -6.10
N ASP A 106 -10.51 -31.87 -7.00
CA ASP A 106 -9.17 -32.44 -6.96
C ASP A 106 -8.14 -31.35 -6.73
N TRP A 107 -7.17 -31.63 -5.84
CA TRP A 107 -5.97 -30.82 -5.61
C TRP A 107 -6.20 -29.51 -4.85
N SER A 108 -7.44 -29.17 -4.48
CA SER A 108 -7.61 -28.19 -3.41
C SER A 108 -6.94 -28.72 -2.15
N PRO A 109 -6.27 -27.87 -1.36
CA PRO A 109 -6.05 -26.43 -1.44
C PRO A 109 -4.65 -26.10 -1.93
N TRP A 110 -4.25 -26.63 -3.08
CA TRP A 110 -2.89 -26.47 -3.58
C TRP A 110 -2.85 -25.82 -4.96
N ARG A 111 -3.99 -25.33 -5.48
CA ARG A 111 -4.05 -24.79 -6.84
C ARG A 111 -3.84 -23.28 -6.89
N GLY A 112 -4.34 -22.53 -5.92
CA GLY A 112 -4.20 -21.09 -5.98
C GLY A 112 -5.27 -20.38 -5.19
N MET A 113 -5.07 -19.07 -5.03
CA MET A 113 -5.86 -18.24 -4.13
C MET A 113 -6.52 -17.12 -4.93
N VAL A 114 -7.86 -17.17 -5.11
CA VAL A 114 -8.55 -16.21 -5.98
C VAL A 114 -8.96 -14.93 -5.28
N ALA A 115 -9.32 -15.00 -4.02
CA ALA A 115 -9.92 -13.86 -3.34
C ALA A 115 -9.08 -13.54 -2.13
N TRP A 116 -8.74 -12.27 -1.96
CA TRP A 116 -7.82 -11.82 -0.92
C TRP A 116 -8.49 -10.79 -0.04
N GLY A 117 -8.21 -10.86 1.27
CA GLY A 117 -8.58 -9.79 2.16
C GLY A 117 -7.77 -8.54 1.84
N GLN A 118 -8.21 -7.41 2.42
CA GLN A 118 -7.51 -6.14 2.22
C GLN A 118 -6.16 -6.09 2.94
N GLY A 119 -5.87 -7.03 3.84
CA GLY A 119 -4.60 -7.02 4.53
C GLY A 119 -4.68 -6.35 5.90
N THR A 120 -3.88 -6.84 6.84
CA THR A 120 -3.77 -6.28 8.19
C THR A 120 -2.29 -6.06 8.49
N LEU A 121 -1.89 -4.79 8.65
CA LEU A 121 -0.50 -4.49 9.03
C LEU A 121 -0.33 -4.72 10.52
N VAL A 122 0.65 -5.54 10.90
CA VAL A 122 1.02 -5.72 12.31
C VAL A 122 2.46 -5.28 12.45
N THR A 123 2.73 -4.35 13.36
CA THR A 123 4.09 -3.88 13.63
C THR A 123 4.52 -4.40 14.99
N VAL A 124 5.70 -5.01 15.03
CA VAL A 124 6.29 -5.51 16.27
C VAL A 124 7.43 -4.56 16.61
N SER A 125 7.28 -3.83 17.72
CA SER A 125 8.23 -2.79 18.07
C SER A 125 8.24 -2.60 19.58
N SER A 126 9.38 -2.17 20.10
CA SER A 126 9.43 -1.81 21.51
C SER A 126 9.41 -0.30 21.70
N ALA A 127 9.30 0.46 20.61
CA ALA A 127 9.17 1.91 20.70
C ALA A 127 7.77 2.29 21.17
N SER A 128 7.65 3.51 21.67
CA SER A 128 6.38 4.01 22.20
C SER A 128 5.39 4.25 21.07
N THR A 129 4.13 3.85 21.31
CA THR A 129 3.03 4.19 20.42
C THR A 129 2.64 5.66 20.60
N LYS A 130 2.45 6.38 19.50
CA LYS A 130 2.04 7.79 19.55
C LYS A 130 0.91 8.04 18.56
N GLY A 131 -0.13 8.74 19.04
CA GLY A 131 -1.22 9.13 18.17
C GLY A 131 -0.94 10.40 17.38
N PRO A 132 -1.72 10.62 16.32
CA PRO A 132 -1.49 11.79 15.48
C PRO A 132 -2.06 13.07 16.07
N SER A 133 -1.47 14.18 15.66
CA SER A 133 -2.10 15.50 15.71
C SER A 133 -2.63 15.81 14.32
N VAL A 134 -3.83 16.38 14.23
CA VAL A 134 -4.48 16.63 12.94
C VAL A 134 -4.73 18.12 12.78
N PHE A 135 -4.23 18.71 11.68
CA PHE A 135 -4.42 20.14 11.42
C PHE A 135 -5.11 20.38 10.09
N PRO A 136 -6.07 21.30 10.01
CA PRO A 136 -6.77 21.56 8.75
C PRO A 136 -5.88 22.31 7.79
N LEU A 137 -6.02 22.01 6.50
CA LEU A 137 -5.30 22.68 5.42
C LEU A 137 -6.33 23.44 4.59
N ALA A 138 -6.46 24.74 4.87
CA ALA A 138 -7.58 25.51 4.36
C ALA A 138 -7.51 25.62 2.84
N PRO A 139 -8.67 25.75 2.16
CA PRO A 139 -8.68 25.59 0.70
C PRO A 139 -7.78 26.60 0.01
N SER A 140 -7.13 26.15 -1.08
CA SER A 140 -6.34 27.04 -1.92
C SER A 140 -6.59 26.70 -3.39
N SER A 141 -6.91 27.73 -4.18
CA SER A 141 -7.21 27.56 -5.58
C SER A 141 -5.98 27.72 -6.48
N LYS A 142 -4.81 28.01 -5.90
CA LYS A 142 -3.66 28.46 -6.67
C LYS A 142 -3.14 27.38 -7.62
N SER A 143 -2.96 26.16 -7.11
CA SER A 143 -2.66 25.04 -8.01
C SER A 143 -3.98 24.60 -8.63
N THR A 144 -4.07 23.41 -9.20
CA THR A 144 -5.37 22.87 -9.64
C THR A 144 -6.11 23.68 -10.69
N SER A 145 -7.20 23.09 -11.19
CA SER A 145 -8.49 23.77 -11.27
C SER A 145 -9.23 23.91 -12.57
N GLY A 146 -9.50 25.18 -12.92
CA GLY A 146 -10.75 25.59 -13.54
C GLY A 146 -11.87 25.51 -12.53
N GLY A 147 -12.08 26.55 -11.73
CA GLY A 147 -13.20 26.60 -10.79
C GLY A 147 -13.14 25.63 -9.62
N THR A 148 -11.97 25.14 -9.27
CA THR A 148 -11.83 24.23 -8.15
C THR A 148 -10.80 24.78 -7.16
N ALA A 149 -10.73 24.11 -6.01
CA ALA A 149 -9.83 24.47 -4.93
C ALA A 149 -9.41 23.21 -4.18
N ALA A 150 -8.19 23.22 -3.66
CA ALA A 150 -7.66 22.07 -2.95
C ALA A 150 -7.61 22.36 -1.46
N LEU A 151 -8.13 21.44 -0.66
CA LEU A 151 -8.06 21.52 0.79
C LEU A 151 -7.61 20.17 1.33
N GLY A 152 -7.30 20.10 2.63
CA GLY A 152 -6.80 18.84 3.13
C GLY A 152 -6.64 18.78 4.63
N CYS A 153 -5.95 17.72 5.08
CA CYS A 153 -5.64 17.50 6.48
C CYS A 153 -4.18 17.06 6.60
N LEU A 154 -3.47 17.65 7.55
CA LEU A 154 -2.10 17.27 7.89
C LEU A 154 -2.18 16.36 9.11
N VAL A 155 -1.61 15.15 9.01
CA VAL A 155 -1.61 14.16 10.08
C VAL A 155 -0.15 14.02 10.55
N LYS A 156 0.18 14.59 11.70
CA LYS A 156 1.57 14.72 12.11
C LYS A 156 1.91 13.87 13.33
N ASP A 157 3.11 13.29 13.33
CA ASP A 157 3.80 12.77 14.52
C ASP A 157 3.04 11.61 15.15
N TYR A 158 2.85 10.54 14.36
CA TYR A 158 2.24 9.31 14.87
C TYR A 158 3.23 8.16 14.68
N PHE A 159 3.21 7.17 15.56
CA PHE A 159 4.29 6.23 15.27
C PHE A 159 3.72 5.15 14.39
N PRO A 160 3.42 3.93 14.87
CA PRO A 160 3.35 2.82 13.92
C PRO A 160 2.40 3.20 12.79
N GLU A 161 2.85 2.95 11.54
CA GLU A 161 1.91 2.92 10.44
C GLU A 161 0.83 1.92 10.82
N PRO A 162 -0.37 1.99 10.23
CA PRO A 162 -0.85 2.93 9.23
C PRO A 162 -1.85 3.93 9.79
N VAL A 163 -2.16 4.91 8.96
CA VAL A 163 -3.26 5.84 9.18
C VAL A 163 -4.14 5.77 7.95
N THR A 164 -5.46 5.76 8.16
CA THR A 164 -6.39 5.93 7.05
C THR A 164 -7.13 7.25 7.17
N VAL A 165 -7.49 7.82 6.02
CA VAL A 165 -8.16 9.10 5.92
C VAL A 165 -9.31 8.97 4.93
N SER A 166 -10.54 9.13 5.38
CA SER A 166 -11.64 9.32 4.44
C SER A 166 -12.19 10.75 4.55
N TRP A 167 -13.01 11.13 3.57
CA TRP A 167 -13.63 12.45 3.55
C TRP A 167 -15.15 12.33 3.58
N ASN A 168 -15.79 13.17 4.40
CA ASN A 168 -17.24 13.17 4.56
C ASN A 168 -17.77 11.76 4.78
N SER A 169 -17.06 11.00 5.63
CA SER A 169 -17.44 9.64 6.04
C SER A 169 -17.55 8.69 4.86
N GLY A 170 -16.76 8.90 3.81
CA GLY A 170 -16.82 8.07 2.64
C GLY A 170 -17.76 8.55 1.56
N ALA A 171 -18.55 9.60 1.82
CA ALA A 171 -19.43 10.16 0.81
C ALA A 171 -18.69 10.98 -0.23
N LEU A 172 -17.42 11.30 0.02
CA LEU A 172 -16.58 12.07 -0.89
C LEU A 172 -15.39 11.20 -1.27
N THR A 173 -15.32 10.81 -2.53
CA THR A 173 -14.20 9.95 -2.94
C THR A 173 -13.47 10.48 -4.18
N SER A 174 -14.18 11.11 -5.11
CA SER A 174 -13.51 11.59 -6.31
C SER A 174 -12.63 12.80 -6.00
N GLY A 175 -11.41 12.79 -6.54
CA GLY A 175 -10.47 13.87 -6.31
C GLY A 175 -9.70 13.80 -5.00
N VAL A 176 -9.76 12.68 -4.27
CA VAL A 176 -9.04 12.55 -3.00
C VAL A 176 -7.66 11.97 -3.28
N HIS A 177 -6.62 12.60 -2.74
CA HIS A 177 -5.27 12.06 -2.85
C HIS A 177 -4.64 12.03 -1.46
N THR A 178 -4.42 10.82 -0.94
CA THR A 178 -3.73 10.63 0.32
C THR A 178 -2.31 10.18 0.02
N PHE A 179 -1.31 10.99 0.46
CA PHE A 179 0.09 10.81 0.09
C PHE A 179 0.77 9.81 1.02
N PRO A 180 1.74 9.04 0.52
CA PRO A 180 2.55 8.20 1.41
C PRO A 180 3.22 9.04 2.48
N ALA A 181 3.34 8.46 3.67
CA ALA A 181 3.91 9.17 4.81
C ALA A 181 5.42 9.29 4.69
N VAL A 182 5.96 10.36 5.29
CA VAL A 182 7.40 10.48 5.51
C VAL A 182 7.74 9.92 6.88
N LEU A 183 8.87 9.21 6.98
CA LEU A 183 9.46 8.84 8.25
C LEU A 183 10.47 9.91 8.63
N GLN A 184 10.18 10.67 9.68
CA GLN A 184 11.05 11.77 10.05
C GLN A 184 12.19 11.28 10.94
N SER A 185 13.21 12.14 11.06
CA SER A 185 14.39 11.78 11.85
C SER A 185 14.05 11.55 13.31
N SER A 186 12.93 12.10 13.79
CA SER A 186 12.46 11.81 15.14
C SER A 186 11.99 10.37 15.29
N GLY A 187 11.83 9.64 14.18
CA GLY A 187 11.27 8.31 14.21
C GLY A 187 9.75 8.25 14.13
N LEU A 188 9.08 9.39 14.01
CA LEU A 188 7.64 9.49 13.85
C LEU A 188 7.28 9.73 12.39
N TYR A 189 6.05 9.38 12.03
CA TYR A 189 5.54 9.57 10.67
C TYR A 189 4.66 10.82 10.57
N SER A 190 4.54 11.34 9.36
CA SER A 190 3.56 12.38 9.03
C SER A 190 3.08 12.16 7.60
N LEU A 191 1.77 12.37 7.37
CA LEU A 191 1.24 12.36 6.01
C LEU A 191 0.22 13.48 5.85
N SER A 192 -0.23 13.68 4.60
CA SER A 192 -1.28 14.62 4.28
C SER A 192 -2.28 13.95 3.35
N SER A 193 -3.54 14.39 3.44
CA SER A 193 -4.59 13.99 2.49
C SER A 193 -5.26 15.25 1.94
N VAL A 194 -5.41 15.32 0.62
CA VAL A 194 -5.99 16.51 -0.03
C VAL A 194 -7.09 16.08 -1.00
N VAL A 195 -8.15 16.87 -1.05
CA VAL A 195 -9.25 16.65 -1.97
C VAL A 195 -9.50 17.95 -2.72
N THR A 196 -9.72 17.86 -4.03
CA THR A 196 -10.05 19.00 -4.88
C THR A 196 -11.56 19.07 -5.05
N VAL A 197 -12.16 20.20 -4.69
CA VAL A 197 -13.61 20.41 -4.64
C VAL A 197 -13.97 21.62 -5.49
N PRO A 198 -15.25 21.77 -5.87
CA PRO A 198 -15.65 22.98 -6.59
C PRO A 198 -15.55 24.21 -5.71
N SER A 199 -15.04 25.29 -6.31
CA SER A 199 -14.85 26.54 -5.56
C SER A 199 -16.17 27.11 -5.07
N SER A 200 -17.22 26.98 -5.89
CA SER A 200 -18.53 27.53 -5.54
C SER A 200 -19.18 26.83 -4.36
N SER A 201 -18.69 25.65 -3.99
CA SER A 201 -19.27 24.90 -2.89
C SER A 201 -18.68 25.29 -1.54
N LEU A 202 -17.67 26.16 -1.53
CA LEU A 202 -16.90 26.38 -0.31
C LEU A 202 -17.75 27.01 0.79
N GLY A 203 -18.59 27.99 0.44
CA GLY A 203 -19.42 28.62 1.45
C GLY A 203 -20.63 27.82 1.91
N THR A 204 -20.96 26.73 1.23
CA THR A 204 -22.21 26.01 1.45
C THR A 204 -22.04 24.55 1.83
N GLN A 205 -20.91 23.93 1.51
CA GLN A 205 -20.69 22.50 1.77
C GLN A 205 -19.58 22.37 2.80
N THR A 206 -19.81 21.55 3.83
CA THR A 206 -18.79 21.37 4.85
C THR A 206 -17.95 20.14 4.50
N TYR A 207 -16.65 20.26 4.69
CA TYR A 207 -15.73 19.17 4.41
C TYR A 207 -15.08 18.74 5.72
N ILE A 208 -15.10 17.42 5.98
CA ILE A 208 -14.51 16.82 7.17
C ILE A 208 -13.66 15.63 6.76
N CYS A 209 -12.41 15.59 7.23
CA CYS A 209 -11.57 14.41 7.07
C CYS A 209 -11.72 13.51 8.30
N ASN A 210 -11.89 12.21 8.06
CA ASN A 210 -12.01 11.21 9.12
C ASN A 210 -10.69 10.45 9.23
N VAL A 211 -9.89 10.77 10.25
CA VAL A 211 -8.55 10.21 10.41
C VAL A 211 -8.62 9.04 11.38
N ASN A 212 -8.11 7.89 10.97
CA ASN A 212 -8.14 6.71 11.82
C ASN A 212 -6.73 6.17 12.01
N HIS A 213 -6.28 6.14 13.27
CA HIS A 213 -4.99 5.52 13.63
C HIS A 213 -5.27 4.38 14.62
N LYS A 214 -5.66 3.22 14.07
CA LYS A 214 -6.02 2.10 14.92
C LYS A 214 -4.93 1.64 15.90
N PRO A 215 -3.62 1.76 15.62
CA PRO A 215 -2.64 1.32 16.63
C PRO A 215 -2.66 2.11 17.94
N SER A 216 -3.09 3.37 17.92
CA SER A 216 -3.26 4.13 19.17
C SER A 216 -4.70 4.26 19.62
N ASN A 217 -5.66 3.63 18.92
CA ASN A 217 -7.10 3.78 19.18
C ASN A 217 -7.56 5.25 19.16
N THR A 218 -7.16 5.95 18.11
CA THR A 218 -7.45 7.38 17.97
C THR A 218 -8.23 7.61 16.69
N LYS A 219 -9.35 8.32 16.78
CA LYS A 219 -10.05 8.81 15.58
C LYS A 219 -10.22 10.32 15.69
N VAL A 220 -9.94 11.04 14.60
CA VAL A 220 -10.16 12.48 14.55
C VAL A 220 -11.02 12.83 13.33
N ASP A 221 -12.11 13.57 13.57
CA ASP A 221 -12.96 14.13 12.53
C ASP A 221 -12.72 15.64 12.52
N LYS A 222 -11.95 16.12 11.54
CA LYS A 222 -11.50 17.51 11.53
C LYS A 222 -12.21 18.26 10.40
N ARG A 223 -12.99 19.28 10.77
CA ARG A 223 -13.62 20.14 9.78
C ARG A 223 -12.57 21.10 9.20
N VAL A 224 -12.64 21.31 7.88
CA VAL A 224 -11.67 22.14 7.17
C VAL A 224 -12.45 23.29 6.54
N GLU A 225 -12.30 24.50 7.10
CA GLU A 225 -13.06 25.68 6.71
C GLU A 225 -12.18 26.68 5.97
N PRO A 226 -12.76 27.53 5.09
CA PRO A 226 -12.01 28.67 4.55
C PRO A 226 -11.65 29.68 5.64
N ALA B 3 11.03 -20.13 -2.15
CA ALA B 3 11.78 -21.33 -2.51
C ALA B 3 11.88 -21.55 -4.04
N LEU B 4 11.12 -20.81 -4.85
CA LEU B 4 11.28 -20.82 -6.30
C LEU B 4 12.10 -19.61 -6.75
N THR B 5 12.71 -19.73 -7.94
CA THR B 5 13.67 -18.75 -8.44
C THR B 5 13.11 -17.99 -9.64
N GLN B 6 12.98 -16.67 -9.51
CA GLN B 6 12.59 -15.79 -10.61
C GLN B 6 13.45 -14.54 -10.58
N PRO B 7 13.61 -13.85 -11.72
CA PRO B 7 14.42 -12.62 -11.74
C PRO B 7 13.76 -11.55 -10.87
N ALA B 8 14.61 -10.71 -10.27
CA ALA B 8 14.08 -9.65 -9.42
C ALA B 8 13.49 -8.51 -10.24
N SER B 9 14.02 -8.22 -11.42
CA SER B 9 13.39 -7.15 -12.19
C SER B 9 13.69 -7.30 -13.68
N VAL B 10 12.66 -7.13 -14.48
CA VAL B 10 12.74 -7.25 -15.93
C VAL B 10 12.12 -6.00 -16.53
N SER B 11 12.49 -5.70 -17.78
CA SER B 11 11.83 -4.60 -18.46
C SER B 11 11.60 -4.94 -19.93
N GLY B 12 10.55 -4.35 -20.50
CA GLY B 12 10.28 -4.43 -21.93
C GLY B 12 9.65 -3.15 -22.42
N SER B 13 9.55 -3.04 -23.74
CA SER B 13 8.99 -1.89 -24.44
C SER B 13 7.52 -2.13 -24.80
N PRO B 14 6.74 -1.05 -24.99
CA PRO B 14 5.29 -1.22 -25.20
C PRO B 14 5.01 -1.97 -26.50
N GLY B 15 3.97 -2.80 -26.48
CA GLY B 15 3.62 -3.63 -27.62
C GLY B 15 4.44 -4.90 -27.76
N GLN B 16 5.64 -4.96 -27.19
CA GLN B 16 6.45 -6.16 -27.32
C GLN B 16 5.93 -7.26 -26.39
N SER B 17 6.55 -8.43 -26.47
CA SER B 17 6.23 -9.54 -25.58
C SER B 17 7.38 -9.75 -24.62
N ILE B 18 7.07 -10.24 -23.42
CA ILE B 18 8.10 -10.50 -22.41
C ILE B 18 7.77 -11.79 -21.69
N THR B 19 8.80 -12.50 -21.24
CA THR B 19 8.61 -13.76 -20.52
C THR B 19 9.37 -13.76 -19.21
N ILE B 20 8.70 -14.20 -18.14
CA ILE B 20 9.28 -14.27 -16.79
C ILE B 20 9.40 -15.73 -16.40
N SER B 21 10.60 -16.15 -15.97
CA SER B 21 10.85 -17.56 -15.67
C SER B 21 10.70 -17.84 -14.18
N CYS B 22 10.31 -19.09 -13.84
CA CYS B 22 10.08 -19.54 -12.46
C CYS B 22 10.62 -20.96 -12.33
N THR B 23 11.79 -21.13 -11.71
CA THR B 23 12.43 -22.43 -11.66
C THR B 23 12.30 -23.06 -10.28
N GLY B 24 11.88 -24.33 -10.26
CA GLY B 24 11.85 -25.13 -9.06
C GLY B 24 12.77 -26.33 -9.17
N THR B 25 12.35 -27.47 -8.62
CA THR B 25 13.08 -28.72 -8.73
C THR B 25 12.15 -29.80 -9.31
N SER B 26 12.72 -30.97 -9.57
CA SER B 26 11.89 -32.01 -10.14
C SER B 26 10.86 -32.56 -9.17
N SER B 27 10.97 -32.24 -7.87
CA SER B 27 9.98 -32.66 -6.89
C SER B 27 8.73 -31.77 -6.87
N ASP B 28 8.82 -30.52 -7.34
CA ASP B 28 7.66 -29.63 -7.31
C ASP B 28 7.21 -29.23 -8.72
N VAL B 29 7.79 -28.16 -9.26
CA VAL B 29 7.45 -27.71 -10.62
C VAL B 29 7.57 -28.85 -11.64
N GLY B 30 8.62 -29.66 -11.52
CA GLY B 30 8.81 -30.69 -12.52
C GLY B 30 7.85 -31.87 -12.44
N SER B 31 7.10 -32.00 -11.33
CA SER B 31 6.28 -33.18 -11.10
C SER B 31 4.79 -32.90 -11.07
N TYR B 32 4.37 -31.65 -10.97
CA TYR B 32 2.97 -31.30 -10.82
C TYR B 32 2.61 -30.20 -11.80
N ASN B 33 1.36 -30.20 -12.23
CA ASN B 33 0.84 -29.09 -13.02
C ASN B 33 0.04 -28.13 -12.11
N LEU B 34 0.74 -27.60 -11.10
CA LEU B 34 0.10 -26.77 -10.08
C LEU B 34 0.87 -25.48 -9.86
N VAL B 35 1.34 -24.86 -10.95
CA VAL B 35 1.96 -23.54 -10.88
C VAL B 35 0.87 -22.48 -11.06
N SER B 36 0.84 -21.50 -10.16
CA SER B 36 -0.01 -20.33 -10.34
C SER B 36 0.83 -19.05 -10.42
N TRP B 37 0.24 -17.98 -10.99
CA TRP B 37 0.93 -16.69 -11.09
C TRP B 37 0.05 -15.56 -10.56
N TYR B 38 0.68 -14.59 -9.86
CA TYR B 38 -0.01 -13.49 -9.23
C TYR B 38 0.56 -12.14 -9.68
N GLN B 39 -0.33 -11.17 -9.88
CA GLN B 39 0.04 -9.79 -10.18
C GLN B 39 -0.30 -8.88 -9.00
N GLN B 40 0.65 -8.05 -8.57
CA GLN B 40 0.43 -7.19 -7.40
C GLN B 40 0.83 -5.74 -7.70
N HIS B 41 -0.15 -4.86 -7.77
CA HIS B 41 0.07 -3.43 -7.89
C HIS B 41 0.41 -2.81 -6.53
N PRO B 42 1.05 -1.63 -6.53
CA PRO B 42 1.41 -0.97 -5.26
C PRO B 42 0.21 -0.82 -4.33
N GLY B 43 0.40 -1.20 -3.08
CA GLY B 43 -0.62 -0.98 -2.06
C GLY B 43 -1.89 -1.79 -2.21
N LYS B 44 -1.86 -2.88 -2.97
CA LYS B 44 -3.03 -3.71 -3.23
C LYS B 44 -2.69 -5.18 -2.94
N ALA B 45 -3.72 -5.99 -2.73
CA ALA B 45 -3.55 -7.45 -2.62
C ALA B 45 -3.12 -8.06 -3.96
N PRO B 46 -2.43 -9.21 -3.91
CA PRO B 46 -2.17 -9.98 -5.13
C PRO B 46 -3.46 -10.37 -5.85
N LYS B 47 -3.32 -10.60 -7.15
CA LYS B 47 -4.41 -10.98 -8.02
C LYS B 47 -3.98 -12.22 -8.81
N LEU B 48 -4.81 -13.26 -8.79
CA LEU B 48 -4.48 -14.53 -9.43
C LEU B 48 -4.64 -14.39 -10.94
N MET B 49 -3.55 -14.57 -11.67
CA MET B 49 -3.51 -14.38 -13.13
C MET B 49 -3.52 -15.71 -13.90
N ILE B 50 -2.80 -16.72 -13.41
CA ILE B 50 -2.69 -18.04 -14.02
C ILE B 50 -2.76 -19.09 -12.91
N TYR B 51 -3.38 -20.24 -13.22
CA TYR B 51 -3.38 -21.41 -12.34
C TYR B 51 -3.22 -22.66 -13.20
N GLU B 52 -2.79 -23.76 -12.56
CA GLU B 52 -2.49 -25.01 -13.26
C GLU B 52 -1.60 -24.75 -14.49
N VAL B 53 -0.52 -23.97 -14.28
CA VAL B 53 0.53 -23.74 -15.28
C VAL B 53 0.07 -22.80 -16.39
N SER B 54 -1.14 -23.01 -16.92
CA SER B 54 -1.54 -22.33 -18.15
C SER B 54 -3.00 -21.91 -18.20
N LYS B 55 -3.78 -22.09 -17.15
CA LYS B 55 -5.20 -21.71 -17.21
C LYS B 55 -5.40 -20.30 -16.64
N ARG B 56 -6.32 -19.54 -17.27
CA ARG B 56 -6.63 -18.15 -16.88
C ARG B 56 -7.96 -18.08 -16.16
N PRO B 57 -8.03 -17.45 -14.98
CA PRO B 57 -9.35 -17.16 -14.40
C PRO B 57 -10.17 -16.24 -15.29
N SER B 58 -11.50 -16.35 -15.15
CA SER B 58 -12.41 -15.55 -15.94
C SER B 58 -12.13 -14.06 -15.75
N GLY B 59 -12.16 -13.30 -16.84
CA GLY B 59 -11.91 -11.88 -16.78
C GLY B 59 -10.45 -11.46 -16.85
N VAL B 60 -9.50 -12.39 -16.65
CA VAL B 60 -8.09 -12.08 -16.86
C VAL B 60 -7.81 -11.97 -18.36
N SER B 61 -7.07 -10.92 -18.75
CA SER B 61 -6.83 -10.64 -20.16
C SER B 61 -6.06 -11.76 -20.85
N ASN B 62 -6.47 -12.11 -22.06
CA ASN B 62 -5.80 -13.16 -22.81
C ASN B 62 -4.38 -12.79 -23.22
N ARG B 63 -3.89 -11.59 -22.87
CA ARG B 63 -2.48 -11.26 -23.11
C ARG B 63 -1.55 -12.01 -22.16
N PHE B 64 -2.08 -12.59 -21.09
CA PHE B 64 -1.29 -13.36 -20.13
C PHE B 64 -1.41 -14.84 -20.47
N SER B 65 -0.28 -15.52 -20.61
CA SER B 65 -0.29 -16.96 -20.85
C SER B 65 0.80 -17.61 -20.01
N GLY B 66 0.69 -18.92 -19.83
CA GLY B 66 1.64 -19.65 -19.00
C GLY B 66 1.97 -20.99 -19.61
N SER B 67 3.19 -21.44 -19.34
CA SER B 67 3.66 -22.74 -19.84
C SER B 67 4.73 -23.25 -18.90
N LYS B 68 5.18 -24.48 -19.15
CA LYS B 68 6.21 -25.08 -18.32
C LYS B 68 7.02 -26.06 -19.16
N SER B 69 8.29 -26.20 -18.80
CA SER B 69 9.20 -27.13 -19.48
C SER B 69 10.25 -27.56 -18.47
N GLY B 70 10.36 -28.86 -18.23
CA GLY B 70 11.29 -29.34 -17.22
C GLY B 70 10.91 -28.78 -15.86
N ASN B 71 11.88 -28.20 -15.17
CA ASN B 71 11.65 -27.63 -13.84
C ASN B 71 11.34 -26.12 -13.86
N THR B 72 11.11 -25.53 -15.04
CA THR B 72 10.90 -24.08 -15.15
C THR B 72 9.53 -23.76 -15.73
N ALA B 73 8.76 -22.96 -15.01
CA ALA B 73 7.52 -22.40 -15.54
C ALA B 73 7.78 -20.99 -16.04
N SER B 74 6.94 -20.54 -16.98
CA SER B 74 7.12 -19.26 -17.65
C SER B 74 5.81 -18.50 -17.72
N LEU B 75 5.82 -17.24 -17.28
CA LEU B 75 4.73 -16.30 -17.55
C LEU B 75 5.09 -15.42 -18.74
N THR B 76 4.21 -15.35 -19.74
CA THR B 76 4.44 -14.55 -20.94
C THR B 76 3.36 -13.50 -21.10
N ILE B 77 3.77 -12.24 -21.30
CA ILE B 77 2.84 -11.13 -21.51
C ILE B 77 3.06 -10.59 -22.92
N SER B 78 2.01 -10.64 -23.73
CA SER B 78 2.05 -10.12 -25.09
C SER B 78 1.50 -8.70 -25.15
N GLY B 79 1.94 -7.94 -26.15
CA GLY B 79 1.53 -6.56 -26.29
C GLY B 79 1.58 -5.77 -25.01
N LEU B 80 2.77 -5.64 -24.41
CA LEU B 80 2.94 -4.97 -23.13
C LEU B 80 2.31 -3.58 -23.16
N GLN B 81 1.64 -3.24 -22.05
CA GLN B 81 1.08 -1.90 -21.87
C GLN B 81 1.54 -1.35 -20.53
N ALA B 82 1.34 -0.04 -20.37
CA ALA B 82 1.82 0.65 -19.18
C ALA B 82 1.17 0.09 -17.91
N GLU B 83 -0.11 -0.28 -17.99
CA GLU B 83 -0.79 -0.80 -16.81
C GLU B 83 -0.25 -2.16 -16.37
N ASP B 84 0.60 -2.81 -17.17
CA ASP B 84 1.19 -4.09 -16.79
C ASP B 84 2.31 -3.96 -15.77
N GLU B 85 2.81 -2.74 -15.51
CA GLU B 85 3.84 -2.55 -14.49
C GLU B 85 3.29 -2.96 -13.13
N ALA B 86 4.02 -3.83 -12.44
CA ALA B 86 3.62 -4.43 -11.17
C ALA B 86 4.68 -5.46 -10.79
N ASP B 87 4.52 -6.02 -9.59
CA ASP B 87 5.31 -7.18 -9.22
C ASP B 87 4.54 -8.46 -9.57
N TYR B 88 5.26 -9.48 -10.02
CA TYR B 88 4.67 -10.75 -10.41
C TYR B 88 5.31 -11.86 -9.59
N TYR B 89 4.47 -12.65 -8.93
CA TYR B 89 4.91 -13.80 -8.14
C TYR B 89 4.43 -15.10 -8.80
N CYS B 90 5.34 -16.07 -8.89
CA CYS B 90 4.97 -17.44 -9.23
C CYS B 90 4.79 -18.27 -7.95
N CYS B 91 4.16 -19.44 -8.10
CA CYS B 91 3.82 -20.27 -6.95
C CYS B 91 3.62 -21.71 -7.42
N SER B 92 3.93 -22.67 -6.54
CA SER B 92 3.82 -24.08 -6.91
C SER B 92 3.52 -24.90 -5.67
N TYR B 93 2.73 -25.97 -5.85
CA TYR B 93 2.68 -27.00 -4.82
C TYR B 93 4.08 -27.56 -4.60
N ALA B 94 4.41 -27.87 -3.34
CA ALA B 94 5.68 -28.51 -3.04
C ALA B 94 5.63 -29.26 -1.72
N GLY B 95 4.54 -30.01 -1.49
CA GLY B 95 4.26 -30.48 -0.15
C GLY B 95 3.71 -29.40 0.74
N SER B 96 3.50 -28.22 0.18
CA SER B 96 3.16 -27.00 0.88
C SER B 96 3.01 -25.99 -0.23
N VAL B 97 2.72 -24.74 0.10
CA VAL B 97 2.60 -23.68 -0.87
C VAL B 97 3.93 -22.93 -0.90
N ALA B 98 4.59 -22.90 -2.06
CA ALA B 98 5.92 -22.31 -2.18
C ALA B 98 5.89 -21.19 -3.21
N PHE B 99 6.19 -19.96 -2.78
CA PHE B 99 6.25 -18.80 -3.68
C PHE B 99 7.67 -18.58 -4.20
N GLY B 100 7.77 -18.02 -5.43
CA GLY B 100 9.01 -17.42 -5.86
C GLY B 100 9.24 -16.04 -5.21
N GLY B 101 10.46 -15.52 -5.40
CA GLY B 101 10.84 -14.25 -4.79
C GLY B 101 10.18 -13.00 -5.38
N GLY B 102 9.56 -13.08 -6.55
CA GLY B 102 8.88 -11.94 -7.13
C GLY B 102 9.68 -11.19 -8.20
N THR B 103 9.00 -10.74 -9.26
CA THR B 103 9.63 -10.03 -10.37
C THR B 103 8.99 -8.65 -10.52
N LYS B 104 9.80 -7.60 -10.44
CA LYS B 104 9.31 -6.26 -10.73
C LYS B 104 9.40 -6.00 -12.24
N LEU B 105 8.26 -5.70 -12.88
CA LEU B 105 8.22 -5.44 -14.31
C LEU B 105 8.10 -3.95 -14.60
N THR B 106 9.05 -3.43 -15.38
CA THR B 106 9.06 -2.03 -15.82
C THR B 106 8.82 -1.98 -17.32
N VAL B 107 7.99 -1.05 -17.77
CA VAL B 107 7.69 -0.86 -19.19
C VAL B 107 8.43 0.40 -19.66
N LEU B 108 9.39 0.23 -20.56
CA LEU B 108 10.19 1.34 -21.01
C LEU B 108 9.39 2.24 -21.97
N GLY B 109 9.99 3.39 -22.29
CA GLY B 109 9.44 4.31 -23.27
C GLY B 109 8.40 5.27 -22.73
N GLN B 110 8.10 5.25 -21.45
CA GLN B 110 7.08 6.16 -20.92
C GLN B 110 7.55 7.61 -21.04
N PRO B 111 6.72 8.51 -21.57
CA PRO B 111 7.13 9.92 -21.72
C PRO B 111 7.30 10.63 -20.38
N LYS B 112 8.16 11.65 -20.37
CA LYS B 112 8.28 12.48 -19.17
C LYS B 112 6.95 13.13 -18.81
N ALA B 113 6.70 13.26 -17.50
CA ALA B 113 5.56 14.01 -16.98
C ALA B 113 6.05 14.95 -15.88
N ALA B 114 5.65 16.25 -15.96
CA ALA B 114 6.18 17.27 -15.07
C ALA B 114 5.39 17.30 -13.77
N PRO B 115 6.04 17.61 -12.64
CA PRO B 115 5.33 17.59 -11.35
C PRO B 115 4.33 18.73 -11.23
N SER B 116 3.21 18.41 -10.60
CA SER B 116 2.27 19.42 -10.12
C SER B 116 2.52 19.60 -8.62
N VAL B 117 2.58 20.86 -8.16
CA VAL B 117 3.04 21.21 -6.81
C VAL B 117 1.96 22.03 -6.10
N THR B 118 1.61 21.61 -4.89
CA THR B 118 0.75 22.40 -3.99
C THR B 118 1.52 22.68 -2.70
N LEU B 119 1.56 23.95 -2.29
CA LEU B 119 2.25 24.36 -1.07
C LEU B 119 1.26 24.98 -0.10
N PHE B 120 1.16 24.40 1.09
CA PHE B 120 0.28 24.90 2.14
C PHE B 120 1.08 25.61 3.25
N PRO B 121 0.63 26.76 3.75
CA PRO B 121 1.32 27.39 4.88
C PRO B 121 0.86 26.74 6.18
N PRO B 122 1.52 27.00 7.31
CA PRO B 122 1.05 26.41 8.57
C PRO B 122 -0.34 26.92 8.92
N SER B 123 -1.18 26.01 9.43
CA SER B 123 -2.52 26.40 9.86
C SER B 123 -2.47 27.31 11.09
N SER B 124 -3.52 28.13 11.23
CA SER B 124 -3.70 28.93 12.42
C SER B 124 -3.80 28.06 13.67
N GLU B 125 -4.42 26.88 13.54
CA GLU B 125 -4.55 25.95 14.67
C GLU B 125 -3.18 25.49 15.14
N GLU B 126 -2.30 25.11 14.19
CA GLU B 126 -0.97 24.63 14.55
C GLU B 126 -0.15 25.73 15.22
N LEU B 127 -0.23 26.96 14.69
CA LEU B 127 0.46 28.08 15.32
C LEU B 127 0.03 28.25 16.78
N GLN B 128 -1.26 28.10 17.05
CA GLN B 128 -1.74 28.21 18.45
C GLN B 128 -1.22 27.09 19.34
N ALA B 129 -0.83 25.95 18.77
CA ALA B 129 -0.18 24.86 19.49
C ALA B 129 1.34 25.04 19.56
N ASN B 130 1.84 26.21 19.19
CA ASN B 130 3.25 26.56 19.25
C ASN B 130 4.12 25.74 18.28
N LYS B 131 3.58 25.31 17.14
CA LYS B 131 4.36 24.63 16.11
C LYS B 131 4.08 25.28 14.74
N ALA B 132 4.85 24.88 13.74
CA ALA B 132 4.64 25.37 12.37
C ALA B 132 5.18 24.36 11.37
N THR B 133 4.33 23.92 10.45
CA THR B 133 4.75 23.01 9.39
C THR B 133 4.32 23.55 8.03
N LEU B 134 5.26 23.70 7.10
CA LEU B 134 4.95 23.94 5.69
C LEU B 134 4.89 22.62 4.93
N VAL B 135 3.89 22.49 4.05
CA VAL B 135 3.54 21.22 3.42
C VAL B 135 3.62 21.40 1.90
N CYS B 136 4.57 20.71 1.26
CA CYS B 136 4.80 20.80 -0.19
C CYS B 136 4.47 19.44 -0.81
N LEU B 137 3.34 19.36 -1.52
CA LEU B 137 2.88 18.10 -2.08
C LEU B 137 3.12 18.09 -3.60
N ILE B 138 3.67 16.97 -4.10
CA ILE B 138 4.25 16.88 -5.45
C ILE B 138 3.68 15.65 -6.15
N SER B 139 2.99 15.83 -7.27
CA SER B 139 2.34 14.67 -7.88
C SER B 139 2.50 14.66 -9.40
N ASP B 140 2.22 13.48 -9.94
CA ASP B 140 2.11 13.24 -11.39
C ASP B 140 3.41 13.48 -12.14
N PHE B 141 4.55 13.09 -11.56
CA PHE B 141 5.80 13.26 -12.29
C PHE B 141 6.34 11.92 -12.75
N TYR B 142 7.14 11.95 -13.83
CA TYR B 142 7.84 10.77 -14.34
C TYR B 142 9.07 11.23 -15.12
N PRO B 143 10.22 10.53 -14.98
CA PRO B 143 10.46 9.37 -14.10
C PRO B 143 10.49 9.75 -12.61
N GLY B 144 10.62 8.76 -11.74
CA GLY B 144 10.44 8.98 -10.32
C GLY B 144 11.68 9.47 -9.60
N ALA B 145 12.24 10.58 -10.05
CA ALA B 145 13.40 11.21 -9.42
C ALA B 145 13.09 12.69 -9.29
N VAL B 146 13.23 13.24 -8.09
CA VAL B 146 12.95 14.65 -7.86
C VAL B 146 13.94 15.17 -6.81
N THR B 147 14.23 16.46 -6.90
CA THR B 147 15.05 17.20 -5.93
C THR B 147 14.20 18.29 -5.31
N VAL B 148 14.20 18.42 -3.98
CA VAL B 148 13.41 19.45 -3.30
C VAL B 148 14.34 20.33 -2.47
N ALA B 149 14.10 21.65 -2.53
CA ALA B 149 14.94 22.66 -1.89
C ALA B 149 14.04 23.74 -1.29
N TRP B 150 14.31 24.11 -0.04
CA TRP B 150 13.55 25.14 0.65
C TRP B 150 14.38 26.41 0.83
N LYS B 151 13.69 27.55 0.82
CA LYS B 151 14.31 28.85 1.01
C LYS B 151 13.54 29.66 2.06
N ALA B 152 14.26 30.32 2.95
CA ALA B 152 13.71 31.37 3.81
C ALA B 152 14.16 32.70 3.25
N ASP B 153 13.20 33.53 2.84
CA ASP B 153 13.46 34.60 1.89
C ASP B 153 14.23 34.01 0.72
N SER B 154 15.45 34.49 0.44
CA SER B 154 16.24 33.96 -0.66
C SER B 154 17.34 33.01 -0.20
N SER B 155 17.43 32.72 1.08
CA SER B 155 18.56 31.92 1.49
C SER B 155 18.15 30.46 1.72
N PRO B 156 19.06 29.52 1.47
CA PRO B 156 18.69 28.09 1.61
C PRO B 156 18.43 27.71 3.06
N VAL B 157 17.51 26.75 3.23
CA VAL B 157 17.18 26.17 4.53
C VAL B 157 17.32 24.66 4.43
N LYS B 158 18.21 24.08 5.25
CA LYS B 158 18.35 22.63 5.29
C LYS B 158 17.87 21.99 6.59
N ALA B 159 17.89 22.71 7.72
CA ALA B 159 17.44 22.13 8.97
C ALA B 159 15.92 22.07 9.00
N GLY B 160 15.40 21.01 9.65
CA GLY B 160 13.97 20.81 9.75
C GLY B 160 13.27 20.33 8.51
N VAL B 161 14.01 19.85 7.49
CA VAL B 161 13.45 19.42 6.21
C VAL B 161 13.33 17.90 6.19
N GLU B 162 12.14 17.39 5.85
CA GLU B 162 11.91 15.95 5.73
C GLU B 162 11.17 15.67 4.42
N THR B 163 11.74 14.80 3.59
CA THR B 163 11.26 14.57 2.23
C THR B 163 11.18 13.07 1.96
N THR B 164 10.06 12.62 1.38
CA THR B 164 9.86 11.21 1.05
C THR B 164 10.65 10.84 -0.19
N THR B 165 10.93 9.54 -0.32
CA THR B 165 11.37 9.01 -1.60
C THR B 165 10.17 8.92 -2.55
N PRO B 166 10.36 9.17 -3.85
CA PRO B 166 9.24 9.09 -4.79
C PRO B 166 8.59 7.72 -4.74
N SER B 167 7.27 7.71 -4.78
CA SER B 167 6.48 6.50 -4.65
C SER B 167 5.48 6.44 -5.79
N LYS B 168 5.27 5.24 -6.34
CA LYS B 168 4.43 5.09 -7.52
C LYS B 168 2.95 5.19 -7.14
N GLN B 169 2.20 6.01 -7.88
CA GLN B 169 0.76 6.07 -7.67
C GLN B 169 0.06 5.19 -8.70
N SER B 170 -1.26 5.26 -8.78
CA SER B 170 -2.00 4.28 -9.58
C SER B 170 -1.82 4.52 -11.08
N ASN B 171 -1.59 5.76 -11.52
CA ASN B 171 -1.51 6.08 -12.93
C ASN B 171 -0.12 5.87 -13.54
N ASN B 172 0.79 5.21 -12.80
CA ASN B 172 2.19 4.94 -13.15
C ASN B 172 3.09 6.16 -13.03
N LYS B 173 2.54 7.32 -12.66
CA LYS B 173 3.37 8.47 -12.28
C LYS B 173 3.64 8.42 -10.78
N TYR B 174 4.55 9.29 -10.33
CA TYR B 174 5.06 9.25 -8.98
C TYR B 174 4.55 10.43 -8.18
N ALA B 175 4.62 10.27 -6.86
CA ALA B 175 4.27 11.33 -5.91
C ALA B 175 5.34 11.40 -4.82
N ALA B 176 5.52 12.60 -4.28
CA ALA B 176 6.43 12.82 -3.17
C ALA B 176 5.91 13.98 -2.32
N SER B 177 6.38 14.04 -1.06
CA SER B 177 6.04 15.08 -0.09
C SER B 177 7.31 15.61 0.55
N SER B 178 7.34 16.91 0.83
CA SER B 178 8.38 17.49 1.68
C SER B 178 7.75 18.37 2.75
N TYR B 179 8.35 18.35 3.95
CA TYR B 179 7.83 19.04 5.13
C TYR B 179 8.94 19.89 5.76
N LEU B 180 8.64 21.16 6.03
CA LEU B 180 9.57 22.08 6.66
C LEU B 180 8.98 22.47 8.01
N SER B 181 9.66 22.05 9.07
CA SER B 181 9.25 22.35 10.44
C SER B 181 9.94 23.62 10.92
N LEU B 182 9.17 24.53 11.51
CA LEU B 182 9.72 25.80 11.99
C LEU B 182 9.10 26.14 13.32
N THR B 183 9.73 27.06 14.05
CA THR B 183 9.04 27.62 15.20
C THR B 183 8.09 28.70 14.71
N PRO B 184 7.02 28.96 15.46
CA PRO B 184 6.14 30.08 15.10
C PRO B 184 6.90 31.39 14.93
N GLU B 185 7.86 31.65 15.80
CA GLU B 185 8.64 32.88 15.69
C GLU B 185 9.39 32.94 14.36
N GLN B 186 9.96 31.81 13.92
CA GLN B 186 10.68 31.80 12.66
C GLN B 186 9.74 32.13 11.50
N TRP B 187 8.58 31.47 11.46
CA TRP B 187 7.63 31.67 10.37
C TRP B 187 7.22 33.13 10.26
N LYS B 188 6.93 33.79 11.38
CA LYS B 188 6.44 35.15 11.33
C LYS B 188 7.54 36.19 11.17
N SER B 189 8.81 35.80 11.27
CA SER B 189 9.93 36.74 11.20
C SER B 189 10.58 36.84 9.82
N HIS B 190 10.02 36.21 8.79
CA HIS B 190 10.56 36.32 7.44
C HIS B 190 9.50 36.84 6.47
N ARG B 191 9.98 37.41 5.35
CA ARG B 191 9.08 37.85 4.30
C ARG B 191 8.34 36.67 3.68
N SER B 192 9.04 35.57 3.41
CA SER B 192 8.41 34.47 2.71
C SER B 192 9.24 33.21 2.88
N TYR B 193 8.63 32.08 2.55
CA TYR B 193 9.30 30.79 2.42
C TYR B 193 8.91 30.16 1.11
N SER B 194 9.83 29.40 0.50
CA SER B 194 9.59 28.80 -0.81
C SER B 194 9.94 27.30 -0.85
N CYS B 195 9.10 26.53 -1.52
CA CYS B 195 9.40 25.15 -1.87
C CYS B 195 9.76 25.10 -3.35
N GLN B 196 10.93 24.55 -3.66
CA GLN B 196 11.49 24.55 -5.01
C GLN B 196 11.72 23.12 -5.46
N VAL B 197 10.95 22.67 -6.46
CA VAL B 197 10.95 21.29 -6.92
C VAL B 197 11.65 21.21 -8.28
N THR B 198 12.70 20.40 -8.36
CA THR B 198 13.44 20.21 -9.62
C THR B 198 13.23 18.80 -10.13
N HIS B 199 12.86 18.70 -11.42
CA HIS B 199 12.61 17.43 -12.08
C HIS B 199 13.07 17.52 -13.52
N GLU B 200 14.00 16.66 -13.91
CA GLU B 200 14.56 16.60 -15.25
C GLU B 200 14.99 17.99 -15.73
N GLY B 201 15.72 18.69 -14.86
CA GLY B 201 16.29 19.97 -15.23
C GLY B 201 15.34 21.15 -15.23
N SER B 202 14.04 20.94 -15.09
CA SER B 202 13.07 22.02 -14.93
C SER B 202 12.70 22.17 -13.46
N THR B 203 12.34 23.39 -13.07
CA THR B 203 12.14 23.74 -11.66
C THR B 203 10.82 24.48 -11.47
N VAL B 204 10.06 24.07 -10.45
CA VAL B 204 8.84 24.77 -10.01
C VAL B 204 9.06 25.30 -8.60
N GLU B 205 8.76 26.58 -8.40
CA GLU B 205 8.88 27.19 -7.07
C GLU B 205 7.56 27.80 -6.63
N LYS B 206 7.07 27.39 -5.45
CA LYS B 206 5.89 27.97 -4.85
C LYS B 206 6.28 28.66 -3.55
N THR B 207 5.71 29.84 -3.31
CA THR B 207 6.09 30.68 -2.17
C THR B 207 4.85 31.04 -1.36
N VAL B 208 4.98 31.05 -0.03
CA VAL B 208 3.91 31.53 0.84
C VAL B 208 4.50 32.51 1.84
N ALA B 209 3.61 33.30 2.44
CA ALA B 209 3.99 34.39 3.36
C ALA B 209 2.96 34.53 4.48
N PRO B 210 3.37 35.03 5.66
CA PRO B 210 2.40 35.29 6.74
C PRO B 210 1.36 36.38 6.44
#